data_2NBX
#
_entry.id   2NBX
#
_entity_poly.entity_id   1
_entity_poly.type   'polyribonucleotide'
_entity_poly.pdbx_seq_one_letter_code
;GGGGCUGAAGGAUGCCCAGAAGGUACCCCAUUGUAUGGGAUCUGAUCUGGGGCCUCGGUGCACAUGCUUUACAUGUGUUU
AGUCGAGGUUAAAAAACGUCUAGGCCCC
;
_entity_poly.pdbx_strand_id   A
#